data_5M6M
#
_entry.id   5M6M
#
_cell.length_a   71.134
_cell.length_b   71.134
_cell.length_c   105.614
_cell.angle_alpha   90.00
_cell.angle_beta   90.00
_cell.angle_gamma   90.00
#
_symmetry.space_group_name_H-M   'P 41 2 2'
#
loop_
_entity.id
_entity.type
_entity.pdbx_description
1 polymer 'E3 ubiquitin-protein ligase XIAP'
2 non-polymer 'ZINC ION'
3 non-polymer 'SODIUM ION'
4 non-polymer 1-[[(2~{R},5~{R})-1-[2-[3,3-dimethyl-6-(phenylmethyl)-2~{H}-pyrrolo[3,2-b]pyridin-1-yl]-2-oxidanylidene-ethyl]-5-methyl-piperazin-4-ium-2-yl]methyl]pyrrolidin-2-one
5 water water
#
_entity_poly.entity_id   1
_entity_poly.type   'polypeptide(L)'
_entity_poly.pdbx_seq_one_letter_code
;MGSSHHHHHHSSGLVPRGSHMNFPNSTNLPRNPSMADYEARIFTFGTWIYSVNKEQLARAGFYALGEGDKVKCFHCGGGL
TDWKPSEDPWEQHAKWYPGCKYLLEQKGQEYINNIHLTHSLEECLVR
;
_entity_poly.pdbx_strand_id   A
#
loop_
_chem_comp.id
_chem_comp.type
_chem_comp.name
_chem_comp.formula
7H8 non-polymer 1-[[(2~{R},5~{R})-1-[2-[3,3-dimethyl-6-(phenylmethyl)-2~{H}-pyrrolo[3,2-b]pyridin-1-yl]-2-oxidanylidene-ethyl]-5-methyl-piperazin-4-ium-2-yl]methyl]pyrrolidin-2-one 'C28 H38 N5 O2 1'
NA non-polymer 'SODIUM ION' 'Na 1'
ZN non-polymer 'ZINC ION' 'Zn 2'
#
# COMPACT_ATOMS: atom_id res chain seq x y z
N MET A 21 -5.41 6.05 -11.85
CA MET A 21 -5.77 6.81 -13.05
C MET A 21 -4.80 7.96 -13.38
N ASN A 22 -4.26 8.67 -12.33
CA ASN A 22 -3.10 9.60 -12.41
C ASN A 22 -1.84 8.72 -12.41
N PHE A 23 -0.73 9.23 -12.93
CA PHE A 23 0.49 8.41 -12.98
C PHE A 23 0.98 8.15 -11.56
N PRO A 24 1.65 7.00 -11.28
CA PRO A 24 2.17 6.80 -9.92
C PRO A 24 3.44 7.63 -9.66
N ASN A 25 3.59 8.17 -8.42
CA ASN A 25 4.84 8.87 -8.09
C ASN A 25 5.98 7.88 -7.94
N SER A 26 7.01 8.02 -8.80
CA SER A 26 8.17 7.17 -8.60
C SER A 26 9.35 7.93 -8.09
N THR A 27 9.17 9.18 -7.61
CA THR A 27 10.31 9.91 -7.02
C THR A 27 10.51 9.53 -5.56
N ASN A 28 11.58 10.04 -4.96
CA ASN A 28 11.95 9.75 -3.57
C ASN A 28 11.24 10.69 -2.68
N LEU A 29 10.43 11.56 -3.25
CA LEU A 29 9.64 12.57 -2.54
C LEU A 29 8.17 12.16 -2.45
N PRO A 30 7.60 12.12 -1.21
CA PRO A 30 6.19 11.78 -1.05
C PRO A 30 5.23 12.72 -1.77
N ARG A 31 4.23 12.16 -2.44
CA ARG A 31 3.16 12.91 -3.05
C ARG A 31 2.27 13.59 -1.99
N ASN A 32 2.01 12.88 -0.88
CA ASN A 32 1.23 13.43 0.19
C ASN A 32 2.05 13.53 1.48
N PRO A 33 2.91 14.56 1.62
CA PRO A 33 3.67 14.70 2.88
C PRO A 33 2.82 14.82 4.17
N SER A 34 1.56 15.35 4.11
CA SER A 34 0.68 15.42 5.29
C SER A 34 0.43 14.03 5.92
N MET A 35 0.52 12.98 5.09
CA MET A 35 0.31 11.58 5.46
C MET A 35 1.62 10.82 5.66
N ALA A 36 2.76 11.52 5.79
CA ALA A 36 4.06 10.88 5.98
C ALA A 36 4.21 10.22 7.33
N ASP A 37 3.45 10.65 8.35
CA ASP A 37 3.59 10.02 9.68
C ASP A 37 2.62 8.92 9.89
N TYR A 38 3.12 7.80 10.41
CA TYR A 38 2.28 6.66 10.79
C TYR A 38 1.00 7.10 11.54
N GLU A 39 1.13 7.91 12.59
CA GLU A 39 -0.04 8.33 13.37
C GLU A 39 -0.99 9.20 12.54
N ALA A 40 -0.49 10.05 11.62
CA ALA A 40 -1.38 10.80 10.72
C ALA A 40 -2.27 9.85 9.87
N ARG A 41 -1.68 8.83 9.28
CA ARG A 41 -2.36 7.78 8.49
C ARG A 41 -3.38 7.03 9.35
N ILE A 42 -3.00 6.70 10.62
CA ILE A 42 -3.88 5.96 11.51
C ILE A 42 -5.17 6.70 11.73
N PHE A 43 -5.12 8.01 12.05
CA PHE A 43 -6.35 8.79 12.26
C PHE A 43 -7.36 8.73 11.12
N THR A 44 -6.93 8.47 9.88
CA THR A 44 -7.84 8.56 8.74
C THR A 44 -8.87 7.43 8.72
N PHE A 45 -8.56 6.27 9.31
CA PHE A 45 -9.42 5.08 9.25
C PHE A 45 -10.73 5.25 10.05
N GLY A 46 -10.60 5.77 11.27
CA GLY A 46 -11.69 5.79 12.25
C GLY A 46 -12.02 4.38 12.67
N THR A 47 -13.27 4.11 13.11
CA THR A 47 -13.71 2.72 13.27
C THR A 47 -13.65 2.00 11.90
N TRP A 48 -12.84 0.93 11.86
CA TRP A 48 -12.55 0.23 10.62
C TRP A 48 -13.14 -1.15 10.72
N ILE A 49 -14.08 -1.45 9.81
CA ILE A 49 -14.88 -2.69 9.88
C ILE A 49 -14.33 -3.75 8.93
N TYR A 50 -13.32 -3.37 8.17
CA TYR A 50 -12.89 -4.15 7.04
C TYR A 50 -11.96 -5.30 7.46
N SER A 51 -11.90 -6.35 6.60
CA SER A 51 -11.22 -7.63 6.88
C SER A 51 -9.68 -7.44 7.09
N VAL A 52 -9.15 -6.37 6.51
CA VAL A 52 -7.73 -6.08 6.65
CA VAL A 52 -7.75 -5.95 6.57
C VAL A 52 -7.50 -4.96 7.72
N ASN A 53 -6.50 -5.22 8.53
CA ASN A 53 -6.02 -4.54 9.71
C ASN A 53 -5.51 -3.12 9.36
N LYS A 54 -6.06 -2.09 10.06
CA LYS A 54 -5.76 -0.70 9.80
C LYS A 54 -4.30 -0.35 10.14
N GLU A 55 -3.73 -0.92 11.22
CA GLU A 55 -2.34 -0.62 11.55
C GLU A 55 -1.36 -1.25 10.52
N GLN A 56 -1.67 -2.46 10.04
CA GLN A 56 -0.97 -3.15 8.97
C GLN A 56 -1.05 -2.29 7.68
N LEU A 57 -2.19 -1.66 7.41
CA LEU A 57 -2.32 -0.75 6.25
C LEU A 57 -1.48 0.49 6.43
N ALA A 58 -1.54 1.11 7.63
CA ALA A 58 -0.79 2.32 7.92
C ALA A 58 0.70 2.07 7.86
N ARG A 59 1.16 0.87 8.26
CA ARG A 59 2.59 0.49 8.20
C ARG A 59 3.08 0.32 6.79
N ALA A 60 2.25 -0.25 5.89
CA ALA A 60 2.55 -0.35 4.48
C ALA A 60 2.38 1.01 3.75
N GLY A 61 2.18 2.08 4.51
CA GLY A 61 2.11 3.45 4.04
C GLY A 61 0.76 3.92 3.57
N PHE A 62 -0.29 3.13 3.81
CA PHE A 62 -1.64 3.47 3.37
C PHE A 62 -2.42 4.33 4.38
N TYR A 63 -3.26 5.23 3.91
CA TYR A 63 -4.27 5.93 4.78
C TYR A 63 -5.62 5.77 4.12
N ALA A 64 -6.71 5.89 4.91
CA ALA A 64 -8.06 5.71 4.39
C ALA A 64 -8.57 6.94 3.67
N LEU A 65 -9.32 6.73 2.59
CA LEU A 65 -10.02 7.82 1.92
C LEU A 65 -11.43 8.18 2.51
N GLY A 66 -11.99 7.29 3.35
CA GLY A 66 -13.35 7.46 3.87
C GLY A 66 -14.45 6.89 2.99
N GLU A 67 -14.07 6.20 1.89
CA GLU A 67 -15.02 5.62 0.95
C GLU A 67 -14.75 4.13 0.84
N GLY A 68 -15.58 3.33 1.49
CA GLY A 68 -15.35 1.90 1.65
C GLY A 68 -14.00 1.64 2.25
N ASP A 69 -13.27 0.66 1.69
CA ASP A 69 -11.92 0.34 2.18
C ASP A 69 -10.87 0.87 1.20
N LYS A 70 -11.19 1.97 0.49
CA LYS A 70 -10.25 2.67 -0.39
C LYS A 70 -9.18 3.31 0.45
N VAL A 71 -7.92 2.99 0.09
CA VAL A 71 -6.71 3.51 0.72
C VAL A 71 -5.84 4.06 -0.40
N LYS A 72 -4.96 5.01 -0.07
CA LYS A 72 -3.94 5.51 -0.98
C LYS A 72 -2.66 5.51 -0.20
N CYS A 73 -1.55 5.23 -0.90
CA CYS A 73 -0.24 5.34 -0.35
C CYS A 73 0.15 6.81 -0.30
N PHE A 74 0.70 7.23 0.87
CA PHE A 74 1.17 8.62 1.07
C PHE A 74 2.25 9.02 0.11
N HIS A 75 3.08 8.05 -0.33
CA HIS A 75 4.28 8.34 -1.07
C HIS A 75 4.06 8.32 -2.57
N CYS A 76 3.57 7.19 -3.11
CA CYS A 76 3.34 6.98 -4.52
C CYS A 76 1.95 7.44 -4.95
N GLY A 77 1.05 7.65 -4.00
CA GLY A 77 -0.31 8.06 -4.28
C GLY A 77 -1.19 6.93 -4.76
N GLY A 78 -0.66 5.71 -4.76
CA GLY A 78 -1.35 4.58 -5.31
C GLY A 78 -2.50 4.10 -4.50
N GLY A 79 -3.63 3.92 -5.17
CA GLY A 79 -4.90 3.55 -4.56
C GLY A 79 -5.28 2.10 -4.74
N LEU A 80 -5.85 1.52 -3.67
CA LEU A 80 -6.32 0.13 -3.64
C LEU A 80 -7.64 0.02 -2.94
N THR A 81 -8.45 -0.98 -3.35
CA THR A 81 -9.77 -1.16 -2.76
C THR A 81 -10.09 -2.64 -2.63
N ASP A 82 -11.22 -2.97 -1.99
CA ASP A 82 -11.81 -4.32 -1.95
C ASP A 82 -10.85 -5.34 -1.36
N TRP A 83 -10.44 -5.08 -0.12
CA TRP A 83 -9.49 -5.90 0.62
C TRP A 83 -10.10 -7.22 1.08
N LYS A 84 -9.63 -8.32 0.49
CA LYS A 84 -9.99 -9.67 0.92
C LYS A 84 -9.12 -10.04 2.15
N PRO A 85 -9.55 -10.99 3.03
CA PRO A 85 -8.73 -11.28 4.22
C PRO A 85 -7.40 -11.94 3.87
N SER A 86 -7.33 -12.65 2.72
CA SER A 86 -6.11 -13.20 2.12
C SER A 86 -5.09 -12.15 1.54
N GLU A 87 -5.48 -10.88 1.40
CA GLU A 87 -4.65 -9.87 0.74
C GLU A 87 -3.79 -9.10 1.73
N ASP A 88 -2.47 -9.10 1.51
CA ASP A 88 -1.54 -8.43 2.40
C ASP A 88 -1.20 -7.02 1.90
N PRO A 89 -1.35 -6.02 2.80
CA PRO A 89 -1.01 -4.63 2.45
C PRO A 89 0.31 -4.43 1.69
N TRP A 90 1.43 -4.95 2.19
CA TRP A 90 2.73 -4.80 1.50
C TRP A 90 2.78 -5.46 0.17
N GLU A 91 2.20 -6.64 0.09
CA GLU A 91 2.14 -7.44 -1.12
C GLU A 91 1.39 -6.78 -2.27
N GLN A 92 0.22 -6.21 -1.94
CA GLN A 92 -0.60 -5.46 -2.86
C GLN A 92 0.06 -4.18 -3.28
N HIS A 93 0.75 -3.50 -2.33
CA HIS A 93 1.55 -2.32 -2.60
C HIS A 93 2.57 -2.63 -3.66
N ALA A 94 3.37 -3.73 -3.46
CA ALA A 94 4.33 -4.19 -4.46
C ALA A 94 3.69 -4.63 -5.77
N LYS A 95 2.56 -5.34 -5.73
CA LYS A 95 1.88 -5.81 -6.96
C LYS A 95 1.51 -4.66 -7.90
N TRP A 96 0.78 -3.65 -7.36
CA TRP A 96 0.14 -2.61 -8.11
C TRP A 96 0.95 -1.33 -8.26
N TYR A 97 1.89 -1.09 -7.28
CA TYR A 97 2.75 0.09 -7.29
C TYR A 97 4.21 -0.25 -7.14
N PRO A 98 4.79 -1.07 -8.07
CA PRO A 98 6.18 -1.53 -7.88
C PRO A 98 7.26 -0.43 -7.92
N GLY A 99 6.92 0.72 -8.48
CA GLY A 99 7.85 1.85 -8.58
C GLY A 99 7.92 2.74 -7.35
N CYS A 100 7.12 2.43 -6.31
CA CYS A 100 7.05 3.22 -5.11
C CYS A 100 8.35 3.23 -4.34
N LYS A 101 8.93 4.41 -4.11
CA LYS A 101 10.21 4.50 -3.40
C LYS A 101 10.13 4.20 -1.89
N TYR A 102 9.07 4.60 -1.24
CA TYR A 102 8.73 4.21 0.12
C TYR A 102 8.71 2.67 0.34
N LEU A 103 7.93 1.94 -0.51
CA LEU A 103 7.94 0.47 -0.60
C LEU A 103 9.39 -0.06 -0.70
N LEU A 104 10.19 0.46 -1.65
CA LEU A 104 11.60 0.06 -1.80
C LEU A 104 12.42 0.33 -0.54
N GLU A 105 12.22 1.48 0.11
CA GLU A 105 12.99 1.80 1.32
C GLU A 105 12.70 0.81 2.47
N GLN A 106 11.45 0.42 2.65
CA GLN A 106 10.99 -0.35 3.82
C GLN A 106 11.14 -1.83 3.66
N LYS A 107 10.98 -2.31 2.43
CA LYS A 107 10.94 -3.72 2.12
C LYS A 107 12.19 -4.24 1.39
N GLY A 108 12.86 -3.39 0.62
CA GLY A 108 14.01 -3.84 -0.15
C GLY A 108 13.64 -4.52 -1.46
N GLN A 109 14.55 -4.48 -2.48
CA GLN A 109 14.24 -4.98 -3.85
C GLN A 109 14.16 -6.55 -3.85
N GLU A 110 14.93 -7.25 -2.96
CA GLU A 110 14.88 -8.70 -2.84
C GLU A 110 13.44 -9.20 -2.49
N TYR A 111 12.81 -8.61 -1.43
CA TYR A 111 11.37 -8.76 -1.14
C TYR A 111 10.52 -8.41 -2.34
N ILE A 112 10.78 -7.27 -2.97
CA ILE A 112 9.92 -6.78 -4.07
C ILE A 112 9.91 -7.80 -5.26
N ASN A 113 11.09 -8.28 -5.63
CA ASN A 113 11.27 -9.31 -6.64
C ASN A 113 10.50 -10.56 -6.34
N ASN A 114 10.72 -11.13 -5.11
CA ASN A 114 9.99 -12.31 -4.61
C ASN A 114 8.56 -12.20 -4.89
N ILE A 115 7.97 -11.10 -4.47
CA ILE A 115 6.53 -10.86 -4.54
CA ILE A 115 6.54 -10.97 -4.50
C ILE A 115 6.05 -10.81 -5.98
N HIS A 116 6.83 -10.15 -6.85
CA HIS A 116 6.55 -10.05 -8.29
C HIS A 116 6.56 -11.39 -8.94
N LEU A 117 7.65 -12.15 -8.68
CA LEU A 117 7.77 -13.51 -9.17
C LEU A 117 6.61 -14.38 -8.73
N THR A 118 6.20 -14.22 -7.48
CA THR A 118 5.12 -15.04 -6.89
C THR A 118 3.80 -14.72 -7.58
N HIS A 119 3.47 -13.43 -7.81
N HIS A 119 3.53 -13.40 -7.80
CA HIS A 119 2.16 -13.16 -8.40
CA HIS A 119 2.35 -12.86 -8.48
C HIS A 119 2.17 -13.35 -9.94
C HIS A 119 2.28 -13.41 -9.87
N SER A 120 3.34 -13.13 -10.63
CA SER A 120 3.49 -13.48 -12.03
C SER A 120 3.44 -14.99 -12.27
N LEU A 121 3.78 -15.82 -11.25
CA LEU A 121 3.62 -17.28 -11.24
C LEU A 121 2.27 -17.72 -10.63
N GLU A 122 1.56 -16.83 -9.90
CA GLU A 122 0.24 -17.22 -9.36
C GLU A 122 -0.71 -17.49 -10.53
N GLU A 123 -0.54 -16.68 -11.62
CA GLU A 123 -1.22 -16.75 -12.91
C GLU A 123 -1.08 -18.12 -13.64
N CYS A 124 0.15 -18.73 -13.63
CA CYS A 124 0.50 -20.14 -13.95
C CYS A 124 1.50 -20.26 -15.07
ZN ZN B . 3.57 3.65 -2.32
NA NA C . -14.38 5.34 9.53
C1 7H8 D . -6.33 -4.99 -2.03
C2 7H8 D . -6.64 -5.52 -3.40
C3 7H8 D . -6.45 -4.46 -4.47
N4 7H8 D . -6.95 -4.85 -5.79
C5 7H8 D . -6.44 -3.93 -6.81
C6 7H8 D . -7.09 -2.55 -6.77
C10 7H8 D . -5.77 -0.81 -9.77
C11 7H8 D . -4.36 -0.23 -9.68
C12 7H8 D . -6.08 -1.13 -11.24
C13 7H8 D . -6.85 0.08 -9.21
C15 7H8 D . -8.28 1.87 -9.05
C16 7H8 D . -8.89 1.40 -7.90
C19 7H8 D . -8.91 2.94 -5.07
C21 7H8 D . -8.34 5.24 -4.70
C22 7H8 D . -8.85 5.56 -5.93
C23 7H8 D . -9.38 4.56 -6.75
C24 7H8 D . -8.42 0.19 -7.41
C25 7H8 D . -7.41 -0.49 -8.07
C26 7H8 D . -8.38 -5.24 -5.77
C27 7H8 D . -8.89 -5.68 -7.16
C31 7H8 D . -9.79 -3.13 -9.76
O7 7H8 D . -7.82 -2.22 -5.87
N8 7H8 D . -6.78 -1.71 -7.79
C9 7H8 D . -5.89 -2.08 -8.90
N14 7H8 D . -7.29 1.24 -9.70
C17 7H8 D . -10.00 2.16 -7.20
C18 7H8 D . -9.41 3.24 -6.32
C20 7H8 D . -8.37 3.93 -4.26
N28 7H8 D . -9.44 -4.58 -7.98
C29 7H8 D . -10.57 -3.74 -7.51
C30 7H8 D . -10.80 -2.76 -8.66
C32 7H8 D . -9.03 -4.30 -9.22
O33 7H8 D . -8.15 -4.93 -9.80
C34 7H8 D . -8.52 -6.39 -4.81
N35 7H8 D . -8.07 -5.99 -3.45
H37 7H8 D . -5.47 -4.33 -2.07
H38 7H8 D . -6.07 -5.80 -1.34
H36 7H8 D . -7.13 -4.41 -1.60
H39 7H8 D . -6.03 -6.38 -3.61
H41 7H8 D . -6.81 -3.50 -4.08
H40 7H8 D . -5.38 -4.31 -4.50
H43 7H8 D . -5.37 -3.82 -6.69
H42 7H8 D . -6.55 -4.42 -7.78
H46 7H8 D . -4.35 0.84 -9.89
H47 7H8 D . -3.69 -0.70 -10.39
H48 7H8 D . -3.93 -0.37 -8.69
H51 7H8 D . -5.59 -0.41 -11.88
H49 7H8 D . -7.14 -1.10 -11.46
H50 7H8 D . -5.73 -2.13 -11.52
H52 7H8 D . -8.57 2.82 -9.51
H55 7H8 D . -8.92 1.91 -4.71
H57 7H8 D . -7.91 6.01 -4.06
H58 7H8 D . -8.83 6.58 -6.30
H59 7H8 D . -9.77 4.83 -7.73
H60 7H8 D . -8.89 -0.21 -6.51
H61 7H8 D . -9.01 -4.44 -5.38
H62 7H8 D . -8.11 -6.21 -7.69
H63 7H8 D . -9.68 -6.42 -7.03
H68 7H8 D . -9.14 -2.30 -10.01
H69 7H8 D . -10.26 -3.40 -10.70
H45 7H8 D . -4.93 -2.38 -8.48
H44 7H8 D . -6.25 -2.94 -9.47
H54 7H8 D . -10.68 2.59 -7.94
H53 7H8 D . -10.60 1.49 -6.60
H56 7H8 D . -7.97 3.68 -3.29
H65 7H8 D . -11.44 -4.33 -7.27
H64 7H8 D . -10.32 -3.20 -6.60
H66 7H8 D . -11.83 -2.81 -9.00
H67 7H8 D . -10.68 -1.73 -8.33
H70 7H8 D . -7.92 -7.23 -5.14
H71 7H8 D . -9.55 -6.75 -4.76
H73 7H8 D . -8.66 -5.22 -3.14
H72 7H8 D . -8.22 -6.75 -2.79
#